data_6J09
#
_entry.id   6J09
#
_cell.length_a   127.340
_cell.length_b   127.340
_cell.length_c   136.840
_cell.angle_alpha   90.00
_cell.angle_beta   90.00
_cell.angle_gamma   120.00
#
_symmetry.space_group_name_H-M   'P 62 2 2'
#
loop_
_entity.id
_entity.type
_entity.pdbx_description
1 polymer 'Outer membrane protein assembly factor BamA'
2 water water
#
_entity_poly.entity_id   1
_entity_poly.type   'polypeptide(L)'
_entity_poly.pdbx_seq_one_letter_code
;GSHMAPFVAKDIRVDGVQGDLEQQIRASLPVRAGQRVTDNDVANIVRSLFVSGRFDDVKAHQEGDVLVVSVVAKSIISDV
KIKGNSIIPTEALKQNLDANGFKVGDVLIREKLNEFAKSVKEHYASVGRYNATVEPIVNTLPNNRAEILIQINEDDKAKL
ASLTFKGNESVSSSTLQEQMELQPDSWWKLWGNKFEGAQFEKDLQSIRDYYLNNGYAKAQITKTDVQLNDEKTKVNVTID
VNEGLQYDLRSARIIGNLGGMSAELEPLLSALHLNDTFRRSDIADVENAIKAKLGERGYGSATVNSVPDFDDANKTLAIT
LVVDAGRRLTVRQ
;
_entity_poly.pdbx_strand_id   A
#
# COMPACT_ATOMS: atom_id res chain seq x y z
N ALA A 5 -42.49 -4.19 -18.58
CA ALA A 5 -43.65 -3.16 -18.45
C ALA A 5 -43.86 -2.13 -19.64
N PRO A 6 -44.72 -2.41 -20.64
CA PRO A 6 -44.41 -1.74 -21.97
C PRO A 6 -44.41 -0.23 -22.02
N PHE A 7 -43.77 0.35 -23.04
CA PHE A 7 -43.63 1.82 -23.11
C PHE A 7 -43.18 2.39 -24.47
N VAL A 8 -43.37 3.69 -24.66
CA VAL A 8 -42.97 4.35 -25.92
C VAL A 8 -41.65 5.03 -25.80
N ALA A 9 -40.82 4.57 -26.72
CA ALA A 9 -39.47 5.02 -26.75
C ALA A 9 -39.42 6.13 -27.72
N LYS A 10 -39.41 7.33 -27.18
CA LYS A 10 -39.30 8.48 -28.03
C LYS A 10 -37.86 8.58 -28.48
N ASP A 11 -36.97 8.76 -27.54
CA ASP A 11 -35.55 8.60 -27.79
C ASP A 11 -35.02 7.22 -27.50
N ILE A 12 -33.78 6.98 -27.95
CA ILE A 12 -33.01 5.76 -27.65
C ILE A 12 -31.55 6.08 -27.41
N ARG A 13 -31.13 6.22 -26.15
CA ARG A 13 -29.72 6.47 -25.87
C ARG A 13 -28.95 5.15 -25.89
N VAL A 14 -27.65 5.21 -26.16
CA VAL A 14 -26.75 4.08 -26.07
C VAL A 14 -25.55 4.59 -25.34
N ASP A 15 -25.35 4.07 -24.17
CA ASP A 15 -24.46 4.70 -23.26
C ASP A 15 -23.04 4.27 -23.21
N GLY A 16 -22.75 3.01 -23.31
CA GLY A 16 -21.33 2.71 -23.04
C GLY A 16 -20.20 3.30 -23.92
N VAL A 17 -20.48 3.73 -25.13
CA VAL A 17 -19.42 3.76 -26.13
C VAL A 17 -19.29 5.08 -26.86
N GLN A 18 -18.26 5.13 -27.69
CA GLN A 18 -17.97 6.30 -28.49
C GLN A 18 -17.82 5.93 -29.98
N GLY A 19 -18.60 6.65 -30.79
CA GLY A 19 -18.46 6.69 -32.23
C GLY A 19 -18.38 5.35 -32.91
N ASP A 20 -17.27 5.08 -33.60
CA ASP A 20 -16.96 3.77 -34.19
C ASP A 20 -18.12 2.79 -34.13
N LEU A 21 -18.42 2.48 -32.88
CA LEU A 21 -19.13 1.31 -32.46
C LEU A 21 -20.49 1.80 -32.06
N GLU A 22 -20.54 2.84 -31.20
CA GLU A 22 -21.84 3.50 -30.92
C GLU A 22 -22.71 3.54 -32.18
N GLN A 23 -22.05 3.84 -33.30
CA GLN A 23 -22.64 3.87 -34.59
C GLN A 23 -23.18 2.52 -34.87
N GLN A 24 -22.31 1.54 -35.02
CA GLN A 24 -22.82 0.21 -35.51
C GLN A 24 -23.83 -0.41 -34.56
N ILE A 25 -23.82 0.00 -33.27
CA ILE A 25 -24.77 -0.53 -32.30
C ILE A 25 -26.15 -0.11 -32.69
N ARG A 26 -26.30 1.22 -32.89
CA ARG A 26 -27.50 1.86 -33.42
C ARG A 26 -28.06 1.27 -34.67
N ALA A 27 -27.15 1.01 -35.61
CA ALA A 27 -27.52 0.59 -36.97
C ALA A 27 -28.11 -0.78 -37.06
N SER A 28 -27.79 -1.56 -36.06
CA SER A 28 -28.29 -2.90 -35.91
C SER A 28 -29.42 -2.96 -34.86
N LEU A 29 -29.66 -1.89 -34.12
CA LEU A 29 -30.76 -1.97 -33.17
C LEU A 29 -32.08 -2.44 -33.78
N PRO A 30 -32.55 -3.61 -33.35
CA PRO A 30 -33.80 -4.08 -33.88
C PRO A 30 -34.95 -3.12 -33.64
N VAL A 31 -34.73 -2.06 -32.88
CA VAL A 31 -35.84 -1.20 -32.59
C VAL A 31 -35.64 0.22 -33.09
N ARG A 32 -36.76 0.94 -33.11
CA ARG A 32 -36.95 2.20 -33.86
C ARG A 32 -37.30 3.37 -32.95
N ALA A 33 -36.53 4.44 -33.00
CA ALA A 33 -36.91 5.56 -32.17
C ALA A 33 -38.41 5.78 -32.43
N GLY A 34 -39.14 6.13 -31.41
CA GLY A 34 -40.52 6.34 -31.67
C GLY A 34 -41.46 5.20 -31.35
N GLN A 35 -41.29 3.98 -31.86
CA GLN A 35 -42.24 2.91 -31.43
C GLN A 35 -42.31 2.61 -29.89
N ARG A 36 -43.26 1.77 -29.54
CA ARG A 36 -43.31 1.33 -28.18
C ARG A 36 -42.90 -0.13 -28.16
N VAL A 37 -42.30 -0.51 -27.04
CA VAL A 37 -41.43 -1.64 -26.93
C VAL A 37 -41.83 -2.48 -25.73
N THR A 38 -41.72 -3.79 -25.91
CA THR A 38 -41.98 -4.72 -24.82
C THR A 38 -40.73 -5.16 -24.09
N ASP A 39 -40.87 -5.63 -22.86
CA ASP A 39 -39.80 -6.45 -22.24
C ASP A 39 -39.24 -7.38 -23.31
N ASN A 40 -40.08 -8.05 -24.04
CA ASN A 40 -39.52 -8.94 -25.01
C ASN A 40 -38.62 -8.33 -26.09
N ASP A 41 -38.89 -7.10 -26.47
CA ASP A 41 -38.14 -6.50 -27.57
C ASP A 41 -36.82 -6.20 -27.02
N VAL A 42 -36.85 -5.67 -25.82
CA VAL A 42 -35.67 -5.19 -25.15
C VAL A 42 -34.74 -6.35 -24.85
N ALA A 43 -35.34 -7.44 -24.43
CA ALA A 43 -34.53 -8.62 -24.30
C ALA A 43 -33.89 -8.95 -25.58
N ASN A 44 -34.63 -8.87 -26.68
CA ASN A 44 -34.00 -9.14 -27.97
C ASN A 44 -32.78 -8.24 -28.26
N ILE A 45 -32.78 -7.00 -27.83
CA ILE A 45 -31.67 -6.14 -28.13
C ILE A 45 -30.48 -6.65 -27.37
N VAL A 46 -30.75 -6.94 -26.08
CA VAL A 46 -29.69 -7.29 -25.18
C VAL A 46 -29.06 -8.62 -25.53
N ARG A 47 -29.85 -9.56 -25.94
CA ARG A 47 -29.25 -10.76 -26.33
C ARG A 47 -28.49 -10.59 -27.58
N SER A 48 -28.93 -9.76 -28.50
CA SER A 48 -28.25 -9.59 -29.80
C SER A 48 -26.93 -8.96 -29.62
N LEU A 49 -26.91 -8.01 -28.72
CA LEU A 49 -25.68 -7.41 -28.33
C LEU A 49 -24.70 -8.35 -27.70
N PHE A 50 -25.09 -9.08 -26.68
CA PHE A 50 -24.18 -10.06 -26.10
C PHE A 50 -23.64 -11.08 -27.12
N VAL A 51 -24.46 -11.69 -27.90
CA VAL A 51 -23.93 -12.62 -28.91
C VAL A 51 -22.82 -12.12 -29.82
N SER A 52 -22.74 -10.83 -30.12
CA SER A 52 -21.58 -10.30 -30.90
C SER A 52 -20.16 -10.70 -30.38
N GLY A 53 -20.06 -10.78 -29.06
CA GLY A 53 -18.81 -11.11 -28.41
C GLY A 53 -18.14 -9.88 -27.90
N ARG A 54 -18.76 -8.76 -28.08
CA ARG A 54 -17.98 -7.63 -27.93
C ARG A 54 -18.17 -6.99 -26.54
N PHE A 55 -19.01 -7.55 -25.71
CA PHE A 55 -19.29 -6.79 -24.55
C PHE A 55 -19.13 -7.57 -23.30
N ASP A 56 -18.50 -6.97 -22.33
CA ASP A 56 -18.51 -7.55 -21.03
C ASP A 56 -19.85 -7.30 -20.45
N ASP A 57 -20.54 -6.25 -20.80
CA ASP A 57 -21.86 -6.18 -20.22
C ASP A 57 -22.73 -5.25 -21.03
N VAL A 58 -24.00 -5.62 -21.01
CA VAL A 58 -25.06 -4.87 -21.59
C VAL A 58 -26.25 -4.87 -20.64
N LYS A 59 -26.73 -3.68 -20.33
CA LYS A 59 -28.04 -3.53 -19.72
C LYS A 59 -28.95 -2.60 -20.47
N ALA A 60 -30.21 -2.59 -20.09
CA ALA A 60 -31.24 -1.86 -20.84
C ALA A 60 -32.45 -1.55 -19.95
N HIS A 61 -32.73 -0.29 -19.66
CA HIS A 61 -33.99 0.12 -19.01
C HIS A 61 -34.58 1.42 -19.62
N GLN A 62 -35.82 1.66 -19.21
CA GLN A 62 -36.52 2.88 -19.57
C GLN A 62 -35.99 3.95 -18.61
N GLU A 63 -35.72 5.15 -19.12
CA GLU A 63 -35.46 6.30 -18.26
C GLU A 63 -36.38 7.42 -18.73
N GLY A 64 -37.64 7.32 -18.28
CA GLY A 64 -38.72 8.14 -18.77
C GLY A 64 -39.09 7.81 -20.20
N ASP A 65 -38.86 8.71 -21.12
CA ASP A 65 -39.43 8.48 -22.44
C ASP A 65 -38.48 7.72 -23.33
N VAL A 66 -37.23 7.72 -22.89
CA VAL A 66 -36.17 7.05 -23.57
C VAL A 66 -35.82 5.64 -23.05
N LEU A 67 -35.71 4.73 -24.00
CA LEU A 67 -34.97 3.51 -23.85
C LEU A 67 -33.44 3.69 -23.85
N VAL A 68 -32.88 3.72 -22.64
CA VAL A 68 -31.43 3.63 -22.46
C VAL A 68 -30.78 2.22 -22.52
N VAL A 69 -29.65 2.13 -23.19
CA VAL A 69 -28.97 0.87 -23.34
C VAL A 69 -27.56 1.16 -22.87
N SER A 70 -27.18 0.73 -21.67
CA SER A 70 -25.79 0.90 -21.22
C SER A 70 -24.93 -0.24 -21.67
N VAL A 71 -23.64 -0.08 -21.78
CA VAL A 71 -22.85 -1.10 -22.43
C VAL A 71 -21.45 -0.95 -21.94
N VAL A 72 -20.67 -2.02 -22.07
CA VAL A 72 -19.31 -2.03 -21.57
C VAL A 72 -18.55 -2.92 -22.50
N ALA A 73 -17.71 -2.30 -23.31
CA ALA A 73 -17.25 -3.01 -24.44
C ALA A 73 -15.87 -3.50 -24.28
N LYS A 74 -15.60 -4.69 -24.77
CA LYS A 74 -14.21 -5.09 -24.82
C LYS A 74 -13.35 -4.04 -25.54
N SER A 75 -12.22 -3.71 -24.93
CA SER A 75 -11.31 -2.78 -25.56
C SER A 75 -10.62 -3.47 -26.66
N ILE A 76 -10.08 -2.69 -27.58
CA ILE A 76 -9.14 -3.29 -28.51
C ILE A 76 -7.75 -2.70 -28.42
N ILE A 77 -6.79 -3.54 -28.79
CA ILE A 77 -5.47 -3.34 -28.31
C ILE A 77 -4.76 -2.39 -29.23
N SER A 78 -4.33 -1.25 -28.72
CA SER A 78 -3.56 -0.38 -29.56
C SER A 78 -2.06 -0.66 -29.38
N ASP A 79 -1.40 -0.34 -28.27
CA ASP A 79 -0.01 -0.85 -28.13
C ASP A 79 0.20 -1.92 -27.06
N VAL A 80 1.10 -2.84 -27.39
CA VAL A 80 1.70 -3.74 -26.43
C VAL A 80 3.17 -3.57 -26.13
N LYS A 81 3.47 -3.21 -24.90
CA LYS A 81 4.81 -2.94 -24.49
C LYS A 81 5.22 -3.63 -23.21
N ILE A 82 6.47 -4.14 -23.19
CA ILE A 82 7.11 -4.77 -22.03
C ILE A 82 8.40 -4.19 -21.38
N LYS A 83 8.27 -3.71 -20.16
CA LYS A 83 9.43 -3.35 -19.36
C LYS A 83 9.89 -4.41 -18.35
N GLY A 84 11.19 -4.57 -18.26
CA GLY A 84 11.83 -5.29 -17.15
C GLY A 84 12.28 -6.64 -17.63
N ASN A 85 11.58 -7.15 -18.62
CA ASN A 85 12.10 -8.13 -19.56
C ASN A 85 13.61 -8.13 -19.48
N SER A 86 14.28 -9.25 -19.30
CA SER A 86 15.73 -9.14 -19.62
C SER A 86 16.54 -10.38 -19.95
N ILE A 87 15.97 -11.55 -19.88
CA ILE A 87 16.73 -12.73 -20.19
C ILE A 87 15.78 -13.79 -20.61
N ILE A 88 14.59 -13.33 -20.86
CA ILE A 88 13.76 -13.89 -21.81
C ILE A 88 13.82 -12.66 -22.72
N PRO A 89 14.33 -12.85 -23.91
CA PRO A 89 14.28 -11.71 -24.83
C PRO A 89 12.87 -11.24 -25.23
N THR A 90 12.68 -9.93 -25.25
CA THR A 90 11.47 -9.39 -25.87
C THR A 90 10.95 -10.12 -27.16
N GLU A 91 11.82 -10.51 -28.06
CA GLU A 91 11.37 -11.21 -29.24
C GLU A 91 10.39 -12.30 -28.82
N ALA A 92 10.78 -13.11 -27.85
CA ALA A 92 9.98 -14.30 -27.61
C ALA A 92 8.69 -13.97 -26.83
N LEU A 93 8.77 -13.01 -25.89
CA LEU A 93 7.59 -12.53 -25.19
C LEU A 93 6.59 -11.90 -26.12
N LYS A 94 7.03 -10.94 -26.92
CA LYS A 94 6.21 -10.58 -28.06
C LYS A 94 5.65 -11.77 -28.90
N GLN A 95 6.45 -12.77 -29.28
CA GLN A 95 5.85 -13.92 -29.98
C GLN A 95 4.69 -14.58 -29.18
N ASN A 96 4.84 -14.61 -27.85
CA ASN A 96 3.91 -15.33 -26.94
C ASN A 96 2.61 -14.60 -26.89
N LEU A 97 2.71 -13.30 -26.70
CA LEU A 97 1.53 -12.49 -26.74
C LEU A 97 0.75 -12.70 -28.04
N ASP A 98 1.51 -12.92 -29.11
CA ASP A 98 0.89 -12.82 -30.38
C ASP A 98 0.23 -14.12 -30.60
N ALA A 99 0.75 -15.19 -30.01
CA ALA A 99 0.01 -16.48 -30.07
C ALA A 99 -1.18 -16.62 -29.16
N ASN A 100 -1.26 -15.76 -28.19
CA ASN A 100 -2.31 -15.91 -27.22
C ASN A 100 -3.31 -14.77 -27.43
N GLY A 101 -3.34 -14.18 -28.63
CA GLY A 101 -4.37 -13.20 -28.93
C GLY A 101 -4.23 -11.88 -28.19
N PHE A 102 -3.03 -11.33 -28.25
CA PHE A 102 -2.84 -10.02 -27.69
C PHE A 102 -2.07 -9.29 -28.75
N LYS A 103 -2.33 -9.69 -30.01
CA LYS A 103 -1.84 -8.94 -31.15
C LYS A 103 -2.51 -7.58 -31.10
N VAL A 104 -2.02 -6.67 -31.89
CA VAL A 104 -2.57 -5.33 -31.92
C VAL A 104 -3.95 -5.21 -32.57
N GLY A 105 -4.14 -6.04 -33.59
CA GLY A 105 -5.52 -6.30 -34.04
C GLY A 105 -6.56 -6.34 -32.92
N ASP A 106 -6.25 -7.11 -31.89
CA ASP A 106 -7.21 -7.94 -31.28
C ASP A 106 -8.00 -7.27 -30.20
N VAL A 107 -9.10 -7.94 -29.91
CA VAL A 107 -9.97 -7.54 -28.81
C VAL A 107 -9.43 -8.15 -27.53
N LEU A 108 -9.10 -7.27 -26.62
CA LEU A 108 -8.49 -7.71 -25.38
C LEU A 108 -9.45 -8.51 -24.55
N ILE A 109 -9.10 -9.74 -24.27
CA ILE A 109 -9.81 -10.42 -23.21
C ILE A 109 -9.02 -10.42 -21.91
N ARG A 110 -9.53 -9.74 -20.92
CA ARG A 110 -8.71 -9.45 -19.76
C ARG A 110 -8.18 -10.59 -18.92
N GLU A 111 -8.94 -11.66 -18.83
CA GLU A 111 -8.61 -12.82 -18.00
C GLU A 111 -7.55 -13.61 -18.61
N LYS A 112 -7.66 -13.82 -19.93
CA LYS A 112 -6.57 -14.43 -20.67
C LYS A 112 -5.31 -13.64 -20.49
N LEU A 113 -5.42 -12.34 -20.31
CA LEU A 113 -4.20 -11.64 -19.98
C LEU A 113 -3.57 -12.13 -18.69
N ASN A 114 -4.35 -12.21 -17.61
CA ASN A 114 -3.73 -12.72 -16.40
C ASN A 114 -3.26 -14.12 -16.54
N GLU A 115 -3.92 -14.95 -17.32
CA GLU A 115 -3.43 -16.29 -17.52
C GLU A 115 -2.05 -16.26 -18.17
N PHE A 116 -1.86 -15.32 -19.08
CA PHE A 116 -0.64 -15.24 -19.84
C PHE A 116 0.44 -14.82 -18.84
N ALA A 117 0.11 -13.89 -17.96
CA ALA A 117 1.09 -13.39 -17.02
C ALA A 117 1.55 -14.51 -16.08
N LYS A 118 0.61 -15.33 -15.63
CA LYS A 118 0.96 -16.50 -14.83
C LYS A 118 1.85 -17.42 -15.60
N SER A 119 1.62 -17.60 -16.86
CA SER A 119 2.42 -18.57 -17.57
C SER A 119 3.87 -18.08 -17.79
N VAL A 120 4.05 -16.79 -17.89
CA VAL A 120 5.37 -16.28 -18.11
C VAL A 120 6.08 -16.44 -16.80
N LYS A 121 5.39 -16.19 -15.70
CA LYS A 121 5.97 -16.45 -14.36
C LYS A 121 6.47 -17.92 -14.25
N GLU A 122 5.65 -18.85 -14.68
CA GLU A 122 6.07 -20.20 -14.62
C GLU A 122 7.29 -20.50 -15.52
N HIS A 123 7.53 -19.71 -16.55
CA HIS A 123 8.69 -19.98 -17.41
C HIS A 123 9.92 -19.45 -16.74
N TYR A 124 9.78 -18.31 -16.07
CA TYR A 124 10.91 -17.68 -15.35
C TYR A 124 11.45 -18.59 -14.20
N ALA A 125 10.83 -19.70 -14.05
CA ALA A 125 10.97 -20.43 -12.88
C ALA A 125 11.55 -21.73 -13.31
N SER A 126 11.31 -22.08 -14.55
CA SER A 126 12.14 -23.05 -15.22
C SER A 126 13.48 -22.51 -15.46
N VAL A 127 13.71 -21.19 -15.31
CA VAL A 127 15.13 -20.79 -15.38
C VAL A 127 15.63 -20.24 -14.07
N GLY A 128 14.93 -20.63 -13.02
CA GLY A 128 15.39 -20.42 -11.69
C GLY A 128 15.23 -19.03 -11.14
N ARG A 129 14.34 -18.18 -11.69
CA ARG A 129 13.88 -16.91 -10.99
C ARG A 129 12.51 -17.06 -10.38
N TYR A 130 12.56 -17.77 -9.28
CA TYR A 130 11.42 -18.20 -8.55
C TYR A 130 10.77 -17.02 -7.81
N ASN A 131 11.49 -15.89 -7.76
CA ASN A 131 10.91 -14.67 -7.20
C ASN A 131 10.33 -13.72 -8.22
N ALA A 132 10.33 -14.13 -9.48
CA ALA A 132 9.90 -13.22 -10.51
C ALA A 132 8.50 -12.68 -10.32
N THR A 133 8.27 -11.47 -10.80
CA THR A 133 6.93 -10.93 -10.94
C THR A 133 6.61 -10.40 -12.34
N VAL A 134 5.46 -10.82 -12.82
CA VAL A 134 5.05 -10.49 -14.15
C VAL A 134 3.66 -9.97 -14.05
N GLU A 135 3.51 -8.68 -13.82
CA GLU A 135 2.21 -8.07 -13.64
C GLU A 135 1.87 -7.20 -14.81
N PRO A 136 0.81 -7.55 -15.53
CA PRO A 136 0.30 -6.83 -16.69
C PRO A 136 -0.53 -5.63 -16.35
N ILE A 137 -0.44 -4.59 -17.13
CA ILE A 137 -1.19 -3.39 -16.85
C ILE A 137 -1.93 -2.94 -18.07
N VAL A 138 -3.16 -2.51 -17.83
CA VAL A 138 -3.98 -2.01 -18.90
C VAL A 138 -4.41 -0.56 -18.70
N ASN A 139 -3.85 0.33 -19.50
CA ASN A 139 -4.42 1.63 -19.57
C ASN A 139 -5.41 1.75 -20.75
N THR A 140 -6.60 2.27 -20.44
CA THR A 140 -7.72 2.40 -21.38
C THR A 140 -7.69 3.74 -22.04
N LEU A 141 -8.02 3.73 -23.32
CA LEU A 141 -7.91 4.92 -24.19
C LEU A 141 -9.15 5.13 -24.96
N PRO A 142 -9.35 6.36 -25.39
CA PRO A 142 -10.59 6.54 -26.00
C PRO A 142 -10.57 5.89 -27.42
N ASN A 143 -11.80 5.78 -27.88
CA ASN A 143 -12.24 4.91 -28.92
C ASN A 143 -12.32 3.38 -28.60
N ASN A 144 -12.58 3.03 -27.33
CA ASN A 144 -12.85 1.64 -26.97
C ASN A 144 -11.62 0.85 -27.24
N ARG A 145 -10.48 1.39 -26.79
CA ARG A 145 -9.16 0.78 -27.02
C ARG A 145 -8.35 0.80 -25.76
N ALA A 146 -7.26 0.03 -25.78
CA ALA A 146 -6.25 0.15 -24.73
C ALA A 146 -4.94 -0.49 -25.05
N GLU A 147 -3.98 -0.09 -24.21
CA GLU A 147 -2.65 -0.55 -24.35
C GLU A 147 -2.31 -1.33 -23.13
N ILE A 148 -1.37 -2.21 -23.40
CA ILE A 148 -0.96 -3.21 -22.47
C ILE A 148 0.50 -2.94 -22.15
N LEU A 149 0.81 -3.14 -20.88
CA LEU A 149 2.12 -2.96 -20.41
C LEU A 149 2.37 -4.16 -19.54
N ILE A 150 3.30 -5.00 -19.96
CA ILE A 150 3.79 -6.02 -19.06
C ILE A 150 4.97 -5.58 -18.20
N GLN A 151 4.76 -5.42 -16.89
CA GLN A 151 5.85 -5.09 -15.93
C GLN A 151 6.56 -6.31 -15.38
N ILE A 152 7.88 -6.38 -15.51
CA ILE A 152 8.59 -7.55 -14.99
C ILE A 152 9.74 -7.30 -14.00
N ASN A 153 9.69 -7.88 -12.81
CA ASN A 153 10.92 -7.89 -12.02
C ASN A 153 11.43 -9.29 -11.93
N GLU A 154 12.55 -9.60 -12.56
CA GLU A 154 12.98 -11.01 -12.60
C GLU A 154 13.49 -11.64 -11.26
N ASP A 155 14.01 -10.80 -10.35
CA ASP A 155 14.28 -11.12 -8.91
C ASP A 155 13.31 -10.19 -8.19
N ASP A 156 13.27 -10.10 -6.88
CA ASP A 156 12.87 -8.76 -6.41
C ASP A 156 14.16 -8.02 -6.15
N LYS A 157 14.11 -6.75 -6.50
CA LYS A 157 15.05 -5.80 -6.03
C LYS A 157 16.00 -5.56 -7.05
N ALA A 158 16.75 -4.54 -6.69
CA ALA A 158 18.10 -4.46 -7.03
C ALA A 158 18.55 -3.33 -6.24
N LYS A 159 19.88 -3.19 -6.29
CA LYS A 159 20.70 -2.28 -5.51
C LYS A 159 20.00 -0.92 -5.10
N LEU A 160 20.33 -0.43 -3.92
CA LEU A 160 19.69 0.76 -3.46
C LEU A 160 20.58 1.94 -3.87
N ALA A 161 19.98 2.93 -4.53
CA ALA A 161 20.74 4.05 -5.14
C ALA A 161 20.90 5.26 -4.25
N SER A 162 19.82 5.67 -3.61
CA SER A 162 19.83 6.90 -2.89
C SER A 162 18.73 6.91 -1.86
N LEU A 163 19.09 7.40 -0.67
CA LEU A 163 18.14 7.70 0.38
C LEU A 163 18.00 9.19 0.37
N THR A 164 16.82 9.71 0.68
CA THR A 164 16.65 11.16 0.70
C THR A 164 15.68 11.52 1.80
N PHE A 165 15.98 12.60 2.53
CA PHE A 165 15.21 12.90 3.72
C PHE A 165 14.51 14.24 3.60
N LYS A 166 13.26 14.28 4.02
CA LYS A 166 12.43 15.44 3.88
C LYS A 166 11.91 15.73 5.25
N GLY A 167 11.88 16.99 5.61
CA GLY A 167 11.38 17.36 6.92
C GLY A 167 12.40 17.17 8.03
N ASN A 168 13.63 16.74 7.71
CA ASN A 168 14.70 16.63 8.72
C ASN A 168 15.35 17.98 9.12
N GLU A 169 14.54 18.76 9.85
CA GLU A 169 14.85 20.14 10.32
C GLU A 169 16.28 20.24 10.82
N SER A 170 16.53 19.46 11.87
CA SER A 170 17.66 19.64 12.78
C SER A 170 18.69 18.53 12.63
N VAL A 171 18.26 17.33 12.28
CA VAL A 171 19.20 16.25 12.11
C VAL A 171 19.48 16.09 10.64
N SER A 172 20.74 15.82 10.35
CA SER A 172 21.21 15.82 8.97
C SER A 172 20.95 14.47 8.36
N SER A 173 20.75 14.49 7.06
CA SER A 173 20.94 13.32 6.23
C SER A 173 22.01 12.36 6.78
N SER A 174 23.26 12.83 6.78
CA SER A 174 24.36 11.96 7.02
C SER A 174 24.21 11.22 8.36
N THR A 175 23.57 11.85 9.36
CA THR A 175 23.35 11.22 10.69
C THR A 175 22.43 9.99 10.59
N LEU A 176 21.27 10.20 9.99
CA LEU A 176 20.19 9.24 9.98
C LEU A 176 20.64 7.99 9.24
N GLN A 177 21.40 8.17 8.19
CA GLN A 177 21.85 7.05 7.41
C GLN A 177 22.98 6.20 8.09
N GLU A 178 23.54 6.70 9.19
CA GLU A 178 24.38 5.88 10.12
C GLU A 178 23.44 5.08 11.08
N GLN A 179 22.23 5.61 11.32
CA GLN A 179 21.17 4.87 12.03
C GLN A 179 20.62 3.64 11.33
N MET A 180 20.91 3.52 10.02
CA MET A 180 20.24 2.57 9.12
C MET A 180 21.18 1.46 8.68
N GLU A 181 20.75 0.21 8.83
CA GLU A 181 21.54 -0.95 8.37
C GLU A 181 21.68 -0.93 6.90
N LEU A 182 20.59 -0.54 6.24
CA LEU A 182 20.52 -0.40 4.79
C LEU A 182 21.28 0.84 4.26
N GLN A 183 22.39 0.56 3.60
CA GLN A 183 23.18 1.61 3.01
C GLN A 183 23.03 1.40 1.51
N PRO A 184 23.26 2.48 0.73
CA PRO A 184 23.33 2.30 -0.74
C PRO A 184 24.21 1.14 -1.21
N ASP A 185 23.80 0.50 -2.29
CA ASP A 185 24.60 -0.53 -2.96
C ASP A 185 24.49 -1.82 -2.35
N SER A 186 23.95 -1.84 -1.14
CA SER A 186 23.35 -3.05 -0.63
C SER A 186 22.01 -3.19 -1.39
N TRP A 187 21.55 -4.45 -1.58
CA TRP A 187 20.25 -4.82 -2.27
C TRP A 187 18.96 -4.42 -1.55
N TRP A 188 17.85 -4.38 -2.27
CA TRP A 188 16.66 -3.89 -1.64
C TRP A 188 15.47 -4.78 -1.89
N LYS A 189 15.43 -6.00 -1.38
CA LYS A 189 14.25 -6.86 -1.70
C LYS A 189 12.93 -6.06 -1.61
N LEU A 190 12.10 -6.21 -2.66
CA LEU A 190 10.76 -5.58 -2.70
C LEU A 190 9.71 -6.59 -3.06
N TRP A 191 8.92 -6.89 -2.04
CA TRP A 191 8.39 -8.19 -1.87
C TRP A 191 7.19 -8.17 -2.70
N GLY A 192 7.47 -8.29 -3.99
CA GLY A 192 6.63 -7.67 -4.98
C GLY A 192 6.09 -6.30 -4.58
N ASN A 193 4.98 -5.98 -5.22
CA ASN A 193 4.07 -4.97 -4.78
C ASN A 193 4.61 -3.91 -3.82
N LYS A 194 4.53 -4.23 -2.53
CA LYS A 194 3.96 -3.30 -1.58
C LYS A 194 4.09 -4.04 -0.23
N PHE A 195 5.31 -4.28 0.23
CA PHE A 195 5.59 -4.27 1.71
C PHE A 195 7.07 -4.17 2.05
N GLU A 196 7.66 -3.02 1.68
CA GLU A 196 8.98 -2.59 2.12
C GLU A 196 9.75 -3.74 2.74
N GLY A 197 10.97 -3.95 2.26
CA GLY A 197 11.73 -5.04 2.86
C GLY A 197 11.80 -5.13 4.39
N ALA A 198 10.76 -5.68 5.08
CA ALA A 198 10.85 -6.30 6.45
C ALA A 198 11.95 -5.78 7.45
N GLN A 199 13.21 -6.09 7.19
CA GLN A 199 14.41 -5.27 7.55
C GLN A 199 14.45 -3.68 7.33
N PHE A 200 13.60 -3.09 6.51
CA PHE A 200 13.60 -1.63 6.35
C PHE A 200 12.62 -1.15 7.43
N GLU A 201 11.77 -2.07 7.84
CA GLU A 201 10.86 -1.82 8.92
C GLU A 201 11.69 -1.50 10.14
N LYS A 202 12.71 -2.33 10.35
CA LYS A 202 13.68 -2.23 11.43
C LYS A 202 14.26 -0.85 11.53
N ASP A 203 14.70 -0.35 10.39
CA ASP A 203 15.50 0.84 10.31
C ASP A 203 14.64 2.05 10.50
N LEU A 204 13.42 2.02 10.04
CA LEU A 204 12.53 3.10 10.43
C LEU A 204 12.40 3.25 11.96
N GLN A 205 12.57 2.15 12.70
CA GLN A 205 12.60 2.18 14.19
C GLN A 205 13.89 2.90 14.60
N SER A 206 15.07 2.29 14.38
CA SER A 206 16.36 2.96 14.62
C SER A 206 16.34 4.47 14.63
N ILE A 207 15.85 4.99 13.52
CA ILE A 207 15.45 6.37 13.40
C ILE A 207 14.44 6.71 14.54
N ARG A 208 13.15 6.39 14.45
CA ARG A 208 12.21 6.86 15.51
C ARG A 208 12.84 6.86 16.88
N ASP A 209 13.45 5.71 17.23
CA ASP A 209 14.20 5.52 18.49
C ASP A 209 15.10 6.73 18.71
N TYR A 210 15.97 6.98 17.75
CA TYR A 210 16.93 8.09 17.85
C TYR A 210 16.42 9.56 17.93
N TYR A 211 15.21 9.87 17.46
CA TYR A 211 14.63 11.20 17.74
C TYR A 211 14.06 11.23 19.17
N LEU A 212 13.72 10.04 19.64
CA LEU A 212 13.18 9.84 20.97
C LEU A 212 14.30 9.63 22.00
N ASN A 213 15.45 9.20 21.50
CA ASN A 213 16.67 9.16 22.27
C ASN A 213 17.39 10.53 22.09
N ASN A 214 16.65 11.64 21.95
CA ASN A 214 17.25 12.99 21.66
C ASN A 214 16.17 14.05 21.52
N GLY A 215 15.25 14.06 22.47
CA GLY A 215 14.24 15.11 22.55
C GLY A 215 12.95 14.90 21.78
N TYR A 216 13.03 14.73 20.46
CA TYR A 216 11.87 15.05 19.65
C TYR A 216 10.80 14.01 19.77
N ALA A 217 9.98 14.21 20.79
CA ALA A 217 8.99 13.23 21.10
C ALA A 217 7.69 13.69 20.53
N LYS A 218 7.70 14.16 19.29
CA LYS A 218 6.51 13.98 18.48
C LYS A 218 6.78 13.29 17.16
N ALA A 219 8.07 13.08 16.89
CA ALA A 219 8.55 12.60 15.61
C ALA A 219 7.76 11.39 15.06
N GLN A 220 6.72 11.69 14.28
CA GLN A 220 6.09 10.68 13.44
C GLN A 220 6.83 10.72 12.08
N ILE A 221 7.10 9.54 11.50
CA ILE A 221 7.59 9.41 10.13
C ILE A 221 6.36 9.46 9.20
N THR A 222 6.36 10.49 8.35
CA THR A 222 5.20 10.98 7.60
C THR A 222 4.79 10.05 6.45
N LYS A 223 5.73 9.63 5.60
CA LYS A 223 5.49 8.80 4.41
C LYS A 223 6.84 8.32 3.82
N THR A 224 6.80 7.31 2.94
CA THR A 224 8.03 6.78 2.28
C THR A 224 7.89 6.38 0.81
N ASP A 225 8.64 7.02 -0.09
CA ASP A 225 8.61 6.67 -1.51
C ASP A 225 9.63 5.65 -1.92
N VAL A 226 9.27 4.80 -2.86
CA VAL A 226 10.26 3.98 -3.54
C VAL A 226 10.23 4.17 -5.07
N GLN A 227 11.37 4.58 -5.62
CA GLN A 227 11.52 4.81 -7.04
C GLN A 227 12.16 3.61 -7.66
N LEU A 228 11.40 2.92 -8.49
CA LEU A 228 11.98 1.85 -9.24
C LEU A 228 12.72 2.40 -10.47
N ASN A 229 12.49 1.94 -11.71
CA ASN A 229 13.64 2.06 -12.58
C ASN A 229 13.45 1.91 -14.05
N ASP A 230 12.34 1.31 -14.46
CA ASP A 230 12.07 1.06 -15.91
C ASP A 230 12.62 -0.35 -16.22
N GLU A 231 13.94 -0.53 -16.19
CA GLU A 231 14.49 -1.88 -15.94
C GLU A 231 14.46 -1.93 -14.43
N LYS A 232 14.47 -3.12 -13.88
CA LYS A 232 14.04 -3.22 -12.52
C LYS A 232 15.23 -3.68 -11.73
N THR A 233 16.29 -2.87 -11.97
CA THR A 233 17.49 -2.74 -11.10
C THR A 233 17.35 -1.46 -10.26
N LYS A 234 18.35 -1.10 -9.45
CA LYS A 234 18.38 0.26 -8.85
C LYS A 234 17.06 0.85 -8.27
N VAL A 235 17.07 1.35 -7.04
CA VAL A 235 15.88 2.05 -6.59
C VAL A 235 16.23 3.29 -5.77
N ASN A 236 15.39 4.31 -5.84
CA ASN A 236 15.62 5.55 -5.07
C ASN A 236 14.55 5.67 -4.01
N VAL A 237 14.99 6.00 -2.81
CA VAL A 237 14.13 5.98 -1.69
C VAL A 237 13.98 7.35 -1.03
N THR A 238 12.81 7.60 -0.45
CA THR A 238 12.53 8.89 0.14
C THR A 238 11.66 8.86 1.38
N ILE A 239 12.28 9.31 2.46
CA ILE A 239 11.69 9.24 3.76
C ILE A 239 11.27 10.63 4.25
N ASP A 240 9.99 10.76 4.54
CA ASP A 240 9.44 12.03 4.94
C ASP A 240 9.20 11.94 6.41
N VAL A 241 9.85 12.83 7.17
CA VAL A 241 9.86 12.81 8.65
C VAL A 241 9.39 14.13 9.25
N ASN A 242 8.45 14.09 10.20
CA ASN A 242 8.06 15.32 10.93
C ASN A 242 8.57 15.41 12.39
N GLU A 243 9.73 16.05 12.55
CA GLU A 243 10.44 16.09 13.84
C GLU A 243 9.62 16.69 14.96
N GLY A 244 9.14 17.92 14.72
CA GLY A 244 8.48 18.71 15.74
C GLY A 244 9.45 19.22 16.79
N LEU A 245 8.87 19.79 17.86
CA LEU A 245 9.66 20.53 18.86
C LEU A 245 10.47 19.49 19.65
N GLN A 246 11.56 19.96 20.26
CA GLN A 246 12.56 19.09 20.91
C GLN A 246 12.52 19.04 22.48
N TYR A 247 11.47 18.44 23.05
CA TYR A 247 11.02 18.73 24.43
C TYR A 247 12.02 18.41 25.60
N ASP A 248 11.62 18.82 26.82
CA ASP A 248 12.34 18.50 28.08
C ASP A 248 11.49 17.92 29.20
N LEU A 249 12.15 17.17 30.06
CA LEU A 249 11.46 16.35 31.02
C LEU A 249 11.35 17.16 32.32
N ARG A 250 10.13 17.55 32.74
CA ARG A 250 9.98 18.12 34.09
C ARG A 250 9.54 17.03 35.11
N SER A 251 8.29 16.57 35.06
CA SER A 251 7.72 15.68 36.10
C SER A 251 7.73 14.18 35.68
N ALA A 252 7.59 13.28 36.64
CA ALA A 252 7.66 11.83 36.38
C ALA A 252 6.64 11.05 37.24
N ARG A 253 5.37 11.44 37.14
CA ARG A 253 4.34 10.93 38.07
C ARG A 253 3.58 9.61 37.68
N ILE A 254 3.56 8.69 38.64
CA ILE A 254 3.12 7.27 38.54
C ILE A 254 1.62 7.06 38.92
N ILE A 255 0.89 6.02 38.50
CA ILE A 255 -0.52 5.83 39.01
C ILE A 255 -0.94 4.37 38.99
N GLY A 256 -2.21 4.10 39.34
CA GLY A 256 -2.91 2.84 39.04
C GLY A 256 -2.81 1.82 40.17
N ASN A 257 -2.79 0.53 39.79
CA ASN A 257 -2.72 -0.60 40.74
C ASN A 257 -1.26 -1.02 40.97
N LEU A 258 -0.68 -0.60 42.09
CA LEU A 258 0.73 -0.93 42.40
C LEU A 258 0.97 -2.12 43.37
N GLY A 259 -0.09 -2.81 43.81
CA GLY A 259 0.07 -4.00 44.65
C GLY A 259 0.97 -3.64 45.82
N GLY A 260 0.50 -2.66 46.58
CA GLY A 260 1.25 -2.07 47.70
C GLY A 260 2.43 -1.24 47.22
N MET A 261 3.47 -1.97 46.81
CA MET A 261 4.82 -1.48 46.40
C MET A 261 5.15 0.03 46.18
N SER A 262 4.16 0.94 46.06
CA SER A 262 4.42 2.41 45.94
C SER A 262 5.70 2.71 46.72
N ALA A 263 5.70 2.15 47.93
CA ALA A 263 6.88 1.97 48.79
C ALA A 263 8.21 2.07 48.04
N GLU A 264 8.61 0.94 47.49
CA GLU A 264 9.95 0.72 47.01
C GLU A 264 10.04 1.07 45.54
N LEU A 265 8.95 1.60 44.94
CA LEU A 265 8.89 2.01 43.49
C LEU A 265 9.23 3.48 43.25
N GLU A 266 8.80 4.32 44.20
CA GLU A 266 9.10 5.74 44.23
C GLU A 266 10.63 6.06 44.18
N PRO A 267 11.50 5.22 44.82
CA PRO A 267 12.97 5.34 44.62
C PRO A 267 13.50 5.05 43.21
N LEU A 268 12.61 4.79 42.25
CA LEU A 268 13.07 4.38 40.93
C LEU A 268 13.13 5.53 39.91
N LEU A 269 12.39 6.62 40.11
CA LEU A 269 12.43 7.78 39.19
C LEU A 269 13.75 8.62 39.21
N SER A 270 14.87 7.97 39.57
CA SER A 270 15.98 8.63 40.32
C SER A 270 17.33 8.79 39.61
N ALA A 271 17.69 7.78 38.79
CA ALA A 271 18.72 7.93 37.74
C ALA A 271 18.03 8.59 36.49
N LEU A 272 16.83 9.17 36.68
CA LEU A 272 16.32 10.20 35.78
C LEU A 272 16.91 11.57 36.09
N HIS A 273 16.98 12.34 35.01
CA HIS A 273 17.62 13.63 34.99
C HIS A 273 16.57 14.70 34.68
N LEU A 274 15.57 14.86 35.57
CA LEU A 274 14.45 15.84 35.36
C LEU A 274 15.03 17.23 35.07
N ASN A 275 14.29 18.07 34.35
CA ASN A 275 14.88 19.27 33.69
C ASN A 275 16.17 18.98 32.90
N ASP A 276 16.03 18.05 31.95
CA ASP A 276 17.03 17.77 30.92
C ASP A 276 16.27 17.24 29.68
N THR A 277 16.95 17.16 28.53
CA THR A 277 16.32 16.66 27.29
C THR A 277 15.73 15.26 27.48
N PHE A 278 14.44 15.15 27.17
CA PHE A 278 13.70 13.88 27.18
C PHE A 278 14.44 12.70 26.56
N ARG A 279 14.13 11.51 27.04
CA ARG A 279 14.74 10.32 26.48
C ARG A 279 13.89 9.07 26.71
N ARG A 280 13.46 8.42 25.62
CA ARG A 280 12.75 7.16 25.69
C ARG A 280 13.54 6.12 26.50
N SER A 281 14.81 5.90 26.11
CA SER A 281 15.61 4.77 26.62
C SER A 281 15.76 4.78 28.14
N ASP A 282 16.08 5.94 28.71
CA ASP A 282 15.89 6.20 30.15
C ASP A 282 14.45 5.89 30.59
N ILE A 283 13.46 6.59 30.04
CA ILE A 283 12.07 6.33 30.47
C ILE A 283 11.69 4.84 30.48
N ALA A 284 12.34 4.05 29.61
CA ALA A 284 12.09 2.61 29.48
C ALA A 284 12.67 1.78 30.62
N ASP A 285 13.85 2.18 31.09
CA ASP A 285 14.65 1.37 32.02
C ASP A 285 13.99 1.42 33.37
N VAL A 286 13.34 2.57 33.62
CA VAL A 286 12.39 2.72 34.73
C VAL A 286 11.34 1.61 34.69
N GLU A 287 10.59 1.59 33.59
CA GLU A 287 9.50 0.64 33.41
C GLU A 287 10.08 -0.76 33.61
N ASN A 288 11.33 -0.95 33.19
CA ASN A 288 11.96 -2.24 33.33
C ASN A 288 12.22 -2.68 34.74
N ALA A 289 12.80 -1.79 35.56
CA ALA A 289 12.95 -2.11 36.96
C ALA A 289 11.57 -2.12 37.58
N ILE A 290 10.73 -1.12 37.31
CA ILE A 290 9.41 -1.11 37.95
C ILE A 290 8.79 -2.49 37.85
N LYS A 291 9.04 -3.09 36.69
CA LYS A 291 8.42 -4.34 36.31
C LYS A 291 9.19 -5.51 36.94
N ALA A 292 10.53 -5.44 36.99
CA ALA A 292 11.35 -6.39 37.78
C ALA A 292 10.94 -6.37 39.27
N LYS A 293 10.79 -5.16 39.78
CA LYS A 293 10.47 -4.99 41.16
C LYS A 293 9.16 -5.68 41.53
N LEU A 294 8.14 -5.37 40.74
CA LEU A 294 6.83 -5.99 40.93
C LEU A 294 6.89 -7.50 40.76
N GLY A 295 7.96 -7.96 40.12
CA GLY A 295 8.14 -9.37 39.78
C GLY A 295 8.62 -10.13 40.96
N GLU A 296 9.50 -9.52 41.74
CA GLU A 296 9.93 -10.08 43.01
C GLU A 296 8.70 -10.52 43.83
N ARG A 297 7.81 -9.58 44.15
CA ARG A 297 6.62 -9.92 44.92
C ARG A 297 5.58 -10.81 44.21
N GLY A 298 5.93 -11.35 43.04
CA GLY A 298 5.10 -12.32 42.34
C GLY A 298 4.18 -11.72 41.28
N TYR A 299 4.42 -10.46 40.90
CA TYR A 299 3.55 -9.74 39.95
C TYR A 299 3.95 -9.80 38.47
N GLY A 300 4.68 -10.83 38.07
CA GLY A 300 5.49 -10.84 36.85
C GLY A 300 4.78 -10.70 35.50
N SER A 301 3.60 -10.06 35.51
CA SER A 301 2.87 -9.66 34.30
C SER A 301 2.61 -8.20 34.33
N ALA A 302 3.29 -7.49 35.17
CA ALA A 302 2.91 -6.14 35.41
C ALA A 302 3.30 -5.27 34.22
N THR A 303 2.48 -4.25 34.00
CA THR A 303 2.41 -3.51 32.76
C THR A 303 2.50 -2.03 33.05
N VAL A 304 3.49 -1.43 32.43
CA VAL A 304 3.70 -0.04 32.56
C VAL A 304 3.41 0.49 31.19
N ASN A 305 2.92 1.71 31.17
CA ASN A 305 2.49 2.36 29.96
C ASN A 305 2.77 3.87 30.12
N SER A 306 3.78 4.37 29.42
CA SER A 306 4.13 5.80 29.50
C SER A 306 3.21 6.86 28.73
N VAL A 307 2.00 7.14 29.24
CA VAL A 307 1.21 8.34 28.81
C VAL A 307 2.08 9.61 29.06
N PRO A 308 1.88 10.72 28.27
CA PRO A 308 2.53 12.04 28.54
C PRO A 308 1.56 13.24 28.73
N ASP A 309 2.14 14.38 29.14
CA ASP A 309 1.44 15.68 29.07
C ASP A 309 2.40 16.85 28.74
N PHE A 310 1.93 17.71 27.84
CA PHE A 310 2.82 18.59 27.08
C PHE A 310 2.79 20.06 27.45
N ASP A 311 3.96 20.65 27.65
CA ASP A 311 4.08 22.09 27.42
C ASP A 311 4.81 22.25 26.07
N ASP A 312 4.00 22.41 25.03
CA ASP A 312 4.47 22.82 23.70
C ASP A 312 5.07 24.20 23.90
N ALA A 313 4.21 25.11 24.39
CA ALA A 313 4.56 26.50 24.75
C ALA A 313 5.94 26.55 25.46
N ASN A 314 6.01 26.08 26.72
CA ASN A 314 7.28 26.05 27.50
C ASN A 314 8.23 24.81 27.37
N LYS A 315 8.10 24.02 26.28
CA LYS A 315 9.13 23.06 25.83
C LYS A 315 9.42 21.89 26.78
N THR A 316 8.40 21.41 27.51
CA THR A 316 8.56 20.32 28.50
C THR A 316 7.45 19.27 28.48
N LEU A 317 7.66 18.21 29.27
CA LEU A 317 6.85 17.02 29.16
C LEU A 317 6.67 16.28 30.50
N ALA A 318 5.40 15.94 30.77
CA ALA A 318 4.92 15.34 32.04
C ALA A 318 4.49 13.88 31.93
N ILE A 319 5.41 13.02 32.35
CA ILE A 319 5.27 11.58 32.30
C ILE A 319 4.25 11.03 33.31
N THR A 320 3.49 10.03 32.90
CA THR A 320 2.36 9.53 33.66
C THR A 320 2.47 8.01 33.55
N LEU A 321 3.40 7.39 34.25
CA LEU A 321 3.54 5.94 34.10
C LEU A 321 2.35 5.20 34.68
N VAL A 322 1.32 5.00 33.87
CA VAL A 322 0.16 4.23 34.31
C VAL A 322 0.71 2.84 34.53
N VAL A 323 0.68 2.35 35.78
CA VAL A 323 1.02 0.95 36.00
C VAL A 323 -0.20 0.19 36.34
N ASP A 324 0.01 -1.12 36.41
CA ASP A 324 -0.88 -2.03 37.07
C ASP A 324 -0.15 -3.37 37.14
N ALA A 325 -0.48 -4.26 38.08
CA ALA A 325 0.20 -5.55 38.17
C ALA A 325 -0.73 -6.77 37.94
N GLY A 326 -0.50 -7.45 36.85
CA GLY A 326 -1.39 -8.55 36.49
C GLY A 326 -1.26 -9.55 37.60
N ARG A 327 -2.17 -9.48 38.55
CA ARG A 327 -2.17 -10.44 39.67
C ARG A 327 -0.83 -10.66 40.43
N ARG A 328 -0.89 -11.15 41.69
CA ARG A 328 0.28 -11.77 42.36
C ARG A 328 0.21 -13.29 42.14
N LEU A 329 1.37 -13.99 42.20
CA LEU A 329 1.37 -15.45 42.03
C LEU A 329 1.06 -16.26 43.29
N THR A 330 2.06 -16.55 44.12
CA THR A 330 1.94 -17.50 45.25
C THR A 330 1.84 -19.00 44.77
N VAL A 331 3.02 -19.64 44.65
CA VAL A 331 3.16 -21.11 44.53
C VAL A 331 3.38 -21.46 46.04
N ARG A 332 2.90 -22.63 46.52
CA ARG A 332 2.97 -23.08 47.98
C ARG A 332 3.09 -24.61 48.27
N GLN A 333 4.25 -25.02 48.82
CA GLN A 333 4.61 -26.44 49.02
C GLN A 333 4.92 -26.70 50.48
#